data_6BA4
#
_entry.id   6BA4
#
_cell.length_a   46.363
_cell.length_b   57.925
_cell.length_c   120.045
_cell.angle_alpha   90.00
_cell.angle_beta   90.00
_cell.angle_gamma   90.00
#
_symmetry.space_group_name_H-M   'P 21 21 21'
#
loop_
_entity.id
_entity.type
_entity.pdbx_description
1 polymer 'Histone acetyltransferase KAT8'
2 non-polymer 'ZINC ION'
3 non-polymer 'SODIUM ION'
4 non-polymer 'ACETYL COENZYME *A'
5 non-polymer 'S-{(3S,5R,9R)-1-[(2R,3R,4R,5R)-5-(6-amino-9H-purin-9-yl)-3-hydroxy-4-(phosphonooxy)tetrahydrofuran-2-yl]-3,5,9-trihydroxy-8,8-dimethyl-3,5-dioxido-10,14-dioxo-2,4,6-trioxa-11,15-diaza-3lambda~5~,5lambda~5~-diphosphaheptadecan-17-yl} ethanethioate'
6 water water
#
_entity_poly.entity_id   1
_entity_poly.type   'polypeptide(L)'
_entity_poly.pdbx_seq_one_letter_code
;MGSSHHHHHHSSGLVPRGSTKVKYVDKIHIGNYEIDAWYFSPFPEDYGKQPKLWLCEYCLKYMKYEKSYRFHLGQCQWRQ
PPGKEIYRKSNISVHEVDGKDHKIYCQNLCLLAKLFLDH(ALY)TLYFDVEPFVFYILTEVDRQGAHIVGYFSKEKESPD
GNNVSCIMILPPYQRRGYGRFLIAFSYELSKLESTVGSPEKPLSDLGKLSYRSYWSSVLLENLRDFRGTLSIKDLSQMTS
ITQNDIISTLQSLNMVKYWKGQHVICVTPKLVEEHLKSAQYKKPPITVDSVCLKWAPPK
;
_entity_poly.pdbx_strand_id   A
#
# COMPACT_ATOMS: atom_id res chain seq x y z
N LYS A 23 -9.05 -18.68 21.63
CA LYS A 23 -8.22 -17.48 21.77
C LYS A 23 -7.56 -17.14 20.43
N TYR A 24 -7.23 -15.86 20.22
CA TYR A 24 -6.64 -15.46 18.94
C TYR A 24 -5.16 -15.13 19.07
N VAL A 25 -4.47 -15.09 17.94
CA VAL A 25 -3.15 -14.49 17.91
C VAL A 25 -3.26 -13.02 18.34
N ASP A 26 -2.53 -12.58 19.35
CA ASP A 26 -2.69 -11.18 19.70
C ASP A 26 -1.38 -10.41 19.64
N LYS A 27 -0.30 -11.11 19.30
CA LYS A 27 1.00 -10.47 19.30
C LYS A 27 1.92 -11.24 18.36
N ILE A 28 2.74 -10.51 17.59
CA ILE A 28 3.73 -11.17 16.75
C ILE A 28 5.10 -10.62 17.05
N HIS A 29 6.10 -11.45 16.84
CA HIS A 29 7.48 -11.01 16.80
C HIS A 29 7.95 -11.18 15.37
N ILE A 30 8.34 -10.08 14.73
CA ILE A 30 8.88 -10.13 13.38
C ILE A 30 10.10 -9.21 13.33
N GLY A 31 11.22 -9.73 12.83
CA GLY A 31 12.43 -8.94 12.76
C GLY A 31 12.89 -8.56 14.17
N ASN A 32 13.11 -7.27 14.39
CA ASN A 32 13.42 -6.81 15.75
C ASN A 32 12.21 -6.17 16.42
N TYR A 33 11.02 -6.43 15.90
CA TYR A 33 9.80 -5.82 16.44
C TYR A 33 8.89 -6.80 17.13
N GLU A 34 8.20 -6.32 18.16
CA GLU A 34 7.06 -7.04 18.67
C GLU A 34 5.87 -6.15 18.38
N ILE A 35 4.80 -6.72 17.82
CA ILE A 35 3.63 -5.92 17.44
C ILE A 35 2.32 -6.49 17.93
N ASP A 36 1.52 -5.67 18.61
CA ASP A 36 0.19 -6.11 19.03
C ASP A 36 -0.76 -6.16 17.84
N ALA A 37 -1.62 -7.17 17.82
CA ALA A 37 -2.68 -7.29 16.81
C ALA A 37 -3.72 -6.19 16.96
N TRP A 38 -4.33 -5.79 15.84
CA TRP A 38 -5.54 -4.95 15.83
C TRP A 38 -6.80 -5.74 15.58
N TYR A 39 -6.66 -6.87 14.89
CA TYR A 39 -7.82 -7.63 14.45
C TYR A 39 -7.56 -9.12 14.45
N PHE A 40 -8.64 -9.89 14.43
CA PHE A 40 -8.56 -11.33 14.27
C PHE A 40 -7.89 -11.72 12.97
N SER A 41 -6.98 -12.69 13.00
CA SER A 41 -6.46 -13.27 11.75
C SER A 41 -6.47 -14.79 11.84
N PRO A 42 -7.03 -15.45 10.83
CA PRO A 42 -7.26 -16.90 10.89
C PRO A 42 -6.03 -17.77 10.65
N PHE A 43 -4.93 -17.51 11.37
CA PHE A 43 -3.87 -18.52 11.45
C PHE A 43 -4.53 -19.79 11.99
N PRO A 44 -4.08 -20.98 11.55
CA PRO A 44 -4.59 -22.27 12.05
C PRO A 44 -4.75 -22.35 13.56
N GLU A 45 -5.65 -23.21 14.04
CA GLU A 45 -6.06 -23.21 15.45
C GLU A 45 -4.88 -23.27 16.41
N ASP A 46 -4.01 -24.26 16.23
CA ASP A 46 -2.83 -24.40 17.09
C ASP A 46 -1.94 -23.16 17.01
N TYR A 47 -1.70 -22.69 15.79
CA TYR A 47 -0.98 -21.44 15.60
C TYR A 47 -1.82 -20.32 16.17
N GLY A 48 -3.06 -20.24 15.72
CA GLY A 48 -4.00 -19.21 16.15
C GLY A 48 -4.61 -19.45 17.52
N LYS A 49 -3.96 -20.25 18.35
CA LYS A 49 -4.28 -20.37 19.77
C LYS A 49 -2.99 -20.30 20.55
N GLN A 50 -1.93 -19.95 19.85
CA GLN A 50 -0.67 -19.61 20.50
C GLN A 50 -0.77 -18.14 20.85
N PRO A 51 -0.14 -17.74 21.96
CA PRO A 51 -0.22 -16.33 22.40
C PRO A 51 0.31 -15.40 21.32
N LYS A 52 1.55 -15.74 21.00
CA LYS A 52 2.44 -14.92 20.22
C LYS A 52 2.94 -15.78 19.09
N LEU A 53 2.94 -15.21 17.89
CA LEU A 53 3.51 -15.91 16.75
C LEU A 53 4.83 -15.24 16.39
N TRP A 54 5.77 -16.05 15.95
CA TRP A 54 7.07 -15.58 15.57
C TRP A 54 7.17 -15.69 14.06
N LEU A 55 7.43 -14.57 13.38
CA LEU A 55 7.50 -14.57 11.91
C LEU A 55 8.88 -14.28 11.35
N CYS A 56 9.34 -15.10 10.41
CA CYS A 56 10.56 -14.79 9.70
C CYS A 56 10.32 -13.52 8.89
N GLU A 57 11.14 -12.49 9.04
CA GLU A 57 10.87 -11.23 8.36
C GLU A 57 11.10 -11.31 6.86
N TYR A 58 11.72 -12.39 6.39
CA TYR A 58 12.09 -12.49 4.97
C TYR A 58 11.18 -13.43 4.17
N CYS A 59 10.89 -14.61 4.72
CA CYS A 59 10.03 -15.55 4.03
C CYS A 59 8.63 -15.58 4.64
N LEU A 60 8.46 -14.86 5.74
CA LEU A 60 7.17 -14.73 6.44
C LEU A 60 6.58 -16.04 6.99
N LYS A 61 7.37 -17.11 7.02
CA LYS A 61 6.97 -18.32 7.75
C LYS A 61 6.57 -17.97 9.20
N TYR A 62 5.41 -18.44 9.66
CA TYR A 62 5.05 -18.19 11.05
C TYR A 62 5.27 -19.43 11.92
N MET A 63 5.74 -19.20 13.13
CA MET A 63 6.19 -20.26 14.03
C MET A 63 5.63 -20.09 15.44
N LYS A 64 5.56 -21.18 16.20
CA LYS A 64 4.87 -21.17 17.48
C LYS A 64 5.76 -20.82 18.66
N TYR A 65 7.06 -20.99 18.52
CA TYR A 65 7.97 -20.93 19.65
C TYR A 65 9.20 -20.11 19.37
N GLU A 66 9.69 -19.40 20.38
CA GLU A 66 10.99 -18.72 20.23
C GLU A 66 12.07 -19.68 19.75
N LYS A 67 12.04 -20.92 20.25
CA LYS A 67 13.08 -21.88 19.86
C LYS A 67 13.02 -22.28 18.38
N SER A 68 11.82 -22.53 17.86
CA SER A 68 11.71 -22.88 16.44
C SER A 68 12.04 -21.64 15.58
N TYR A 69 11.73 -20.47 16.11
CA TYR A 69 12.05 -19.23 15.40
C TYR A 69 13.57 -19.03 15.29
N ARG A 70 14.28 -19.24 16.41
CA ARG A 70 15.75 -19.09 16.42
C ARG A 70 16.43 -20.06 15.47
N PHE A 71 15.95 -21.29 15.47
CA PHE A 71 16.47 -22.29 14.55
C PHE A 71 16.27 -21.86 13.10
N HIS A 72 15.06 -21.43 12.79
CA HIS A 72 14.75 -21.03 11.42
C HIS A 72 15.64 -19.87 10.96
N LEU A 73 15.85 -18.89 11.82
CA LEU A 73 16.68 -17.74 11.47
C LEU A 73 18.08 -18.16 11.01
N GLY A 74 18.63 -19.18 11.67
CA GLY A 74 19.92 -19.72 11.29
C GLY A 74 19.92 -20.51 10.00
N GLN A 75 18.77 -21.04 9.61
CA GLN A 75 18.72 -21.87 8.42
C GLN A 75 18.19 -21.10 7.22
N CYS A 76 17.26 -20.18 7.44
CA CYS A 76 16.60 -19.52 6.31
C CYS A 76 17.61 -18.77 5.48
N GLN A 77 17.61 -19.01 4.17
CA GLN A 77 18.55 -18.32 3.30
C GLN A 77 17.95 -17.11 2.58
N TRP A 78 16.65 -16.83 2.77
CA TRP A 78 16.05 -15.66 2.17
CA TRP A 78 16.02 -15.65 2.20
C TRP A 78 16.51 -14.38 2.88
N ARG A 79 16.77 -13.32 2.11
CA ARG A 79 17.13 -12.04 2.73
C ARG A 79 16.37 -10.87 2.07
N GLN A 80 15.32 -11.23 1.36
CA GLN A 80 14.47 -10.28 0.65
C GLN A 80 13.19 -11.01 0.23
N PRO A 81 12.17 -10.28 -0.21
CA PRO A 81 10.99 -10.98 -0.72
C PRO A 81 11.28 -11.73 -2.02
N PRO A 82 10.42 -12.69 -2.41
CA PRO A 82 10.62 -13.37 -3.69
C PRO A 82 10.17 -12.49 -4.87
N GLY A 83 10.10 -13.03 -6.07
CA GLY A 83 9.66 -12.25 -7.22
C GLY A 83 10.67 -11.21 -7.66
N LYS A 84 10.23 -10.31 -8.54
CA LYS A 84 11.11 -9.39 -9.22
C LYS A 84 11.22 -8.06 -8.47
N GLU A 85 12.42 -7.52 -8.33
CA GLU A 85 12.58 -6.18 -7.79
C GLU A 85 12.32 -5.16 -8.89
N ILE A 86 11.11 -4.62 -8.91
CA ILE A 86 10.72 -3.70 -9.98
C ILE A 86 10.94 -2.23 -9.62
N TYR A 87 11.35 -1.95 -8.38
CA TYR A 87 11.69 -0.58 -8.03
C TYR A 87 12.84 -0.58 -7.03
N ARG A 88 13.82 0.28 -7.26
CA ARG A 88 14.91 0.41 -6.31
C ARG A 88 15.53 1.79 -6.40
N LYS A 89 15.41 2.55 -5.30
CA LYS A 89 16.09 3.85 -5.23
C LYS A 89 16.67 4.02 -3.86
N SER A 90 17.98 4.28 -3.81
CA SER A 90 18.72 4.26 -2.57
C SER A 90 18.42 2.92 -1.91
N ASN A 91 17.98 2.92 -0.66
CA ASN A 91 17.68 1.68 0.06
C ASN A 91 16.17 1.36 0.16
N ILE A 92 15.37 1.96 -0.71
CA ILE A 92 13.95 1.64 -0.82
C ILE A 92 13.72 0.68 -2.00
N SER A 93 13.06 -0.43 -1.73
CA SER A 93 12.88 -1.47 -2.73
C SER A 93 11.43 -1.94 -2.79
N VAL A 94 10.92 -2.20 -4.00
CA VAL A 94 9.60 -2.84 -4.13
C VAL A 94 9.74 -4.13 -4.94
N HIS A 95 9.18 -5.21 -4.41
CA HIS A 95 9.15 -6.49 -5.13
C HIS A 95 7.74 -6.79 -5.64
N GLU A 96 7.65 -7.23 -6.87
CA GLU A 96 6.38 -7.70 -7.43
C GLU A 96 6.27 -9.23 -7.34
N VAL A 97 5.21 -9.70 -6.69
CA VAL A 97 5.07 -11.13 -6.37
C VAL A 97 3.72 -11.66 -6.85
N ASP A 98 3.76 -12.60 -7.78
CA ASP A 98 2.54 -13.19 -8.33
C ASP A 98 1.99 -14.21 -7.36
N GLY A 99 0.72 -14.07 -6.98
CA GLY A 99 0.12 -15.00 -6.04
C GLY A 99 0.21 -16.46 -6.50
N LYS A 100 0.13 -16.65 -7.81
CA LYS A 100 0.18 -17.99 -8.40
C LYS A 100 1.54 -18.68 -8.29
N ASP A 101 2.61 -17.88 -8.34
CA ASP A 101 3.95 -18.41 -8.43
C ASP A 101 4.58 -18.62 -7.09
N HIS A 102 3.99 -17.93 -6.14
CA HIS A 102 4.61 -17.61 -4.89
C HIS A 102 3.56 -17.77 -3.77
N LYS A 103 2.77 -18.85 -3.86
CA LYS A 103 1.56 -19.02 -3.08
C LYS A 103 1.68 -19.00 -1.54
N ILE A 104 2.63 -19.76 -0.97
CA ILE A 104 2.81 -19.84 0.48
C ILE A 104 3.20 -18.48 1.04
N TYR A 105 4.18 -17.86 0.40
CA TYR A 105 4.63 -16.53 0.82
C TYR A 105 3.46 -15.55 0.85
N CYS A 106 2.65 -15.53 -0.21
CA CYS A 106 1.53 -14.61 -0.29
C CYS A 106 0.44 -14.95 0.72
N GLN A 107 0.26 -16.23 1.00
CA GLN A 107 -0.65 -16.60 2.07
C GLN A 107 -0.15 -16.08 3.42
N ASN A 108 1.14 -16.24 3.68
CA ASN A 108 1.71 -15.81 4.95
C ASN A 108 1.56 -14.28 5.10
N LEU A 109 1.76 -13.59 3.97
CA LEU A 109 1.63 -12.14 3.88
C LEU A 109 0.21 -11.71 4.20
N CYS A 110 -0.77 -12.43 3.64
CA CYS A 110 -2.17 -12.07 3.86
C CYS A 110 -2.62 -12.27 5.31
N LEU A 111 -2.09 -13.29 5.97
CA LEU A 111 -2.43 -13.56 7.37
C LEU A 111 -1.84 -12.50 8.27
N LEU A 112 -0.61 -12.13 7.96
CA LEU A 112 0.07 -11.03 8.63
C LEU A 112 -0.73 -9.75 8.45
N ALA A 113 -1.12 -9.49 7.20
CA ALA A 113 -1.88 -8.27 6.90
C ALA A 113 -3.21 -8.20 7.65
N LYS A 114 -3.87 -9.33 7.77
CA LYS A 114 -5.21 -9.40 8.37
C LYS A 114 -5.17 -8.99 9.86
N LEU A 115 -4.00 -9.07 10.47
CA LEU A 115 -3.86 -8.63 11.85
C LEU A 115 -4.09 -7.13 11.98
N PHE A 116 -3.99 -6.41 10.88
CA PHE A 116 -4.11 -4.95 10.90
C PHE A 116 -5.18 -4.42 9.94
N LEU A 117 -5.91 -5.33 9.29
CA LEU A 117 -7.01 -4.94 8.40
C LEU A 117 -8.32 -5.50 8.91
N ASP A 118 -9.33 -4.67 9.01
CA ASP A 118 -10.62 -5.14 9.48
C ASP A 118 -11.38 -5.84 8.37
N HIS A 119 -11.26 -5.33 7.14
CA HIS A 119 -12.15 -5.70 6.04
C HIS A 119 -11.59 -6.72 5.07
N THR A 121 -10.83 -10.06 3.53
CA THR A 121 -11.55 -11.32 3.69
C THR A 121 -10.83 -12.50 3.04
N LEU A 122 -9.77 -12.21 2.30
CA LEU A 122 -9.13 -13.23 1.50
C LEU A 122 -7.67 -13.49 1.93
N TYR A 123 -7.35 -14.75 2.26
CA TYR A 123 -6.02 -15.06 2.80
C TYR A 123 -5.32 -16.20 2.09
N PHE A 124 -6.07 -17.21 1.69
CA PHE A 124 -5.48 -18.42 1.11
C PHE A 124 -5.65 -18.45 -0.39
N ASP A 125 -6.73 -17.86 -0.87
CA ASP A 125 -7.00 -17.78 -2.30
C ASP A 125 -6.23 -16.59 -2.91
N VAL A 126 -4.91 -16.74 -3.02
CA VAL A 126 -4.05 -15.63 -3.40
C VAL A 126 -3.68 -15.61 -4.88
N GLU A 127 -4.04 -16.66 -5.61
CA GLU A 127 -3.71 -16.76 -7.02
C GLU A 127 -4.25 -15.61 -7.92
N PRO A 128 -5.44 -15.06 -7.60
CA PRO A 128 -5.88 -13.96 -8.46
C PRO A 128 -5.19 -12.61 -8.22
N PHE A 129 -4.20 -12.57 -7.33
CA PHE A 129 -3.58 -11.30 -6.93
C PHE A 129 -2.13 -11.18 -7.29
N VAL A 130 -1.69 -9.94 -7.49
CA VAL A 130 -0.26 -9.67 -7.50
C VAL A 130 0.02 -8.84 -6.25
N PHE A 131 1.16 -9.09 -5.60
CA PHE A 131 1.49 -8.39 -4.35
C PHE A 131 2.74 -7.54 -4.55
N TYR A 132 2.67 -6.30 -4.06
CA TYR A 132 3.79 -5.37 -4.15
C TYR A 132 4.32 -5.14 -2.76
N ILE A 133 5.52 -5.62 -2.49
CA ILE A 133 6.10 -5.57 -1.15
C ILE A 133 7.14 -4.47 -1.05
N LEU A 134 6.95 -3.58 -0.09
CA LEU A 134 7.87 -2.50 0.17
C LEU A 134 8.89 -2.93 1.22
N THR A 135 10.17 -2.70 0.94
CA THR A 135 11.19 -3.02 1.93
C THR A 135 12.20 -1.88 2.08
N GLU A 136 12.78 -1.82 3.28
CA GLU A 136 13.94 -0.99 3.60
C GLU A 136 15.17 -1.86 3.64
N VAL A 137 16.18 -1.53 2.85
CA VAL A 137 17.34 -2.39 2.69
C VAL A 137 18.50 -1.93 3.57
N ASP A 138 19.21 -2.88 4.18
CA ASP A 138 20.50 -2.56 4.77
C ASP A 138 21.48 -3.70 4.53
N ARG A 139 22.62 -3.67 5.21
CA ARG A 139 23.66 -4.67 5.02
C ARG A 139 23.14 -6.10 5.23
N GLN A 140 22.19 -6.26 6.15
CA GLN A 140 21.68 -7.60 6.50
C GLN A 140 20.63 -8.14 5.53
N GLY A 141 19.85 -7.27 4.91
CA GLY A 141 18.79 -7.72 4.02
C GLY A 141 17.76 -6.64 3.73
N ALA A 142 16.71 -7.04 3.03
CA ALA A 142 15.60 -6.16 2.65
C ALA A 142 14.42 -6.39 3.59
N HIS A 143 14.20 -5.43 4.49
CA HIS A 143 13.24 -5.59 5.60
C HIS A 143 11.84 -5.08 5.29
N ILE A 144 10.85 -5.94 5.52
CA ILE A 144 9.50 -5.67 5.05
C ILE A 144 8.86 -4.52 5.85
N VAL A 145 8.26 -3.60 5.10
CA VAL A 145 7.66 -2.40 5.66
C VAL A 145 6.13 -2.46 5.52
N GLY A 146 5.70 -2.93 4.36
CA GLY A 146 4.28 -3.00 4.06
C GLY A 146 4.09 -3.55 2.67
N TYR A 147 2.87 -3.49 2.18
CA TYR A 147 2.56 -4.03 0.87
C TYR A 147 1.25 -3.46 0.36
N PHE A 148 0.97 -3.63 -0.92
CA PHE A 148 -0.42 -3.64 -1.34
C PHE A 148 -0.68 -4.79 -2.31
N SER A 149 -1.92 -5.23 -2.34
CA SER A 149 -2.32 -6.28 -3.27
C SER A 149 -3.17 -5.64 -4.36
N LYS A 150 -3.23 -6.31 -5.49
CA LYS A 150 -3.95 -5.81 -6.64
C LYS A 150 -4.49 -7.02 -7.42
N GLU A 151 -5.78 -7.00 -7.72
CA GLU A 151 -6.36 -8.05 -8.54
C GLU A 151 -5.78 -7.99 -9.93
N LYS A 152 -5.43 -9.15 -10.48
CA LYS A 152 -4.98 -9.22 -11.88
C LYS A 152 -6.09 -8.78 -12.82
N GLU A 153 -7.31 -9.14 -12.48
CA GLU A 153 -8.48 -8.75 -13.24
C GLU A 153 -9.50 -8.17 -12.28
N SER A 154 -9.66 -6.85 -12.30
CA SER A 154 -10.63 -6.22 -11.42
C SER A 154 -11.79 -5.63 -12.19
N PRO A 155 -12.98 -6.22 -12.03
CA PRO A 155 -14.17 -5.66 -12.68
C PRO A 155 -14.45 -4.23 -12.20
N ASP A 156 -14.25 -3.97 -10.91
CA ASP A 156 -14.56 -2.65 -10.36
C ASP A 156 -13.49 -1.60 -10.66
N GLY A 157 -12.47 -1.97 -11.43
CA GLY A 157 -11.38 -1.05 -11.69
C GLY A 157 -10.63 -0.64 -10.43
N ASN A 158 -10.34 -1.61 -9.56
CA ASN A 158 -9.59 -1.30 -8.36
C ASN A 158 -8.10 -1.44 -8.62
N ASN A 159 -7.32 -0.39 -8.37
CA ASN A 159 -5.89 -0.48 -8.63
C ASN A 159 -5.13 -0.86 -7.35
N VAL A 160 -5.90 -0.95 -6.26
CA VAL A 160 -5.43 -1.48 -4.98
C VAL A 160 -6.56 -2.32 -4.41
N SER A 161 -6.26 -3.53 -3.94
CA SER A 161 -7.22 -4.29 -3.16
C SER A 161 -7.08 -3.98 -1.66
N CYS A 162 -5.93 -4.30 -1.09
CA CYS A 162 -5.63 -3.94 0.30
C CYS A 162 -4.28 -3.29 0.34
N ILE A 163 -4.10 -2.37 1.27
CA ILE A 163 -2.81 -1.73 1.47
C ILE A 163 -2.56 -1.62 2.98
N MET A 164 -1.34 -1.93 3.39
CA MET A 164 -1.02 -2.03 4.81
C MET A 164 0.45 -1.68 5.04
N ILE A 165 0.68 -0.80 6.01
CA ILE A 165 2.00 -0.47 6.50
C ILE A 165 2.08 -0.97 7.94
N LEU A 166 3.12 -1.73 8.27
CA LEU A 166 3.24 -2.29 9.62
C LEU A 166 3.35 -1.16 10.63
N PRO A 167 2.66 -1.28 11.76
CA PRO A 167 2.57 -0.18 12.74
C PRO A 167 3.90 0.51 13.06
N PRO A 168 5.01 -0.22 13.31
CA PRO A 168 6.22 0.57 13.61
C PRO A 168 6.72 1.45 12.46
N TYR A 169 6.21 1.29 11.24
CA TYR A 169 6.64 2.14 10.13
C TYR A 169 5.60 3.18 9.72
N GLN A 170 4.44 3.19 10.39
CA GLN A 170 3.36 4.07 9.98
C GLN A 170 3.68 5.53 10.29
N ARG A 171 2.98 6.42 9.59
CA ARG A 171 3.11 7.87 9.76
C ARG A 171 4.50 8.39 9.41
N ARG A 172 5.16 7.74 8.44
CA ARG A 172 6.48 8.21 8.02
C ARG A 172 6.56 8.34 6.52
N GLY A 173 5.39 8.28 5.87
CA GLY A 173 5.32 8.50 4.44
C GLY A 173 5.39 7.26 3.57
N TYR A 174 5.52 6.10 4.21
CA TYR A 174 5.58 4.85 3.44
C TYR A 174 4.24 4.56 2.78
N GLY A 175 3.15 4.85 3.49
CA GLY A 175 1.82 4.59 2.94
C GLY A 175 1.57 5.50 1.76
N ARG A 176 1.95 6.77 1.88
CA ARG A 176 1.79 7.71 0.77
C ARG A 176 2.59 7.22 -0.43
N PHE A 177 3.79 6.70 -0.16
CA PHE A 177 4.64 6.15 -1.22
C PHE A 177 3.97 5.01 -1.97
N LEU A 178 3.39 4.08 -1.22
CA LEU A 178 2.68 2.96 -1.83
C LEU A 178 1.44 3.38 -2.61
N ILE A 179 0.68 4.32 -2.07
CA ILE A 179 -0.44 4.87 -2.84
C ILE A 179 0.05 5.48 -4.15
N ALA A 180 1.11 6.28 -4.06
CA ALA A 180 1.66 6.93 -5.27
C ALA A 180 2.14 5.88 -6.25
N PHE A 181 2.78 4.86 -5.70
CA PHE A 181 3.25 3.74 -6.51
C PHE A 181 2.10 3.06 -7.23
N SER A 182 1.00 2.81 -6.53
CA SER A 182 -0.13 2.12 -7.19
C SER A 182 -0.69 2.93 -8.35
N TYR A 183 -0.61 4.25 -8.27
CA TYR A 183 -1.12 5.09 -9.36
C TYR A 183 -0.10 5.17 -10.51
N GLU A 184 1.19 5.06 -10.21
CA GLU A 184 2.20 5.03 -11.26
C GLU A 184 1.97 3.81 -12.10
N LEU A 185 1.61 2.70 -11.46
CA LEU A 185 1.27 1.49 -12.21
C LEU A 185 0.06 1.73 -13.12
N SER A 186 -0.97 2.38 -12.57
CA SER A 186 -2.18 2.70 -13.33
C SER A 186 -1.88 3.61 -14.52
N LYS A 187 -1.01 4.59 -14.31
CA LYS A 187 -0.60 5.49 -15.38
C LYS A 187 0.05 4.70 -16.51
N LEU A 188 0.98 3.82 -16.15
CA LEU A 188 1.67 2.97 -17.12
C LEU A 188 0.73 2.00 -17.83
N GLU A 189 -0.42 1.75 -17.22
CA GLU A 189 -1.43 0.89 -17.83
C GLU A 189 -2.44 1.71 -18.61
N SER A 190 -2.24 3.03 -18.65
CA SER A 190 -3.16 3.97 -19.32
C SER A 190 -4.61 3.81 -18.86
N THR A 191 -4.82 3.66 -17.55
CA THR A 191 -6.17 3.48 -17.05
C THR A 191 -6.32 4.18 -15.70
N VAL A 192 -7.56 4.49 -15.35
CA VAL A 192 -7.84 5.14 -14.09
C VAL A 192 -8.02 4.01 -13.09
N GLY A 193 -7.86 4.31 -11.81
CA GLY A 193 -8.01 3.27 -10.80
C GLY A 193 -8.41 3.90 -9.49
N SER A 194 -8.98 3.09 -8.61
CA SER A 194 -9.40 3.52 -7.29
C SER A 194 -9.16 2.37 -6.32
N PRO A 195 -8.88 2.69 -5.03
CA PRO A 195 -8.79 1.62 -4.02
C PRO A 195 -10.12 0.91 -3.84
N GLU A 196 -10.08 -0.40 -3.61
CA GLU A 196 -11.29 -1.14 -3.31
C GLU A 196 -11.92 -0.68 -2.01
N LYS A 197 -13.24 -0.50 -2.03
CA LYS A 197 -13.98 -0.11 -0.84
C LYS A 197 -14.42 -1.36 -0.07
N PRO A 198 -14.70 -1.23 1.25
CA PRO A 198 -14.66 -0.03 2.10
C PRO A 198 -13.25 0.31 2.58
N LEU A 199 -12.94 1.58 2.65
CA LEU A 199 -11.66 2.01 3.17
C LEU A 199 -11.73 2.10 4.69
N SER A 200 -10.66 1.68 5.36
CA SER A 200 -10.52 1.97 6.78
C SER A 200 -10.52 3.47 6.98
N ASP A 201 -10.73 3.92 8.21
CA ASP A 201 -10.56 5.34 8.49
C ASP A 201 -9.13 5.79 8.19
N LEU A 202 -8.15 4.97 8.53
CA LEU A 202 -6.76 5.30 8.22
C LEU A 202 -6.53 5.36 6.70
N GLY A 203 -7.21 4.48 5.98
CA GLY A 203 -7.12 4.43 4.54
C GLY A 203 -7.70 5.70 3.93
N LYS A 204 -8.85 6.14 4.43
CA LYS A 204 -9.50 7.35 3.94
C LYS A 204 -8.65 8.58 4.17
N LEU A 205 -8.11 8.70 5.38
CA LEU A 205 -7.22 9.80 5.69
C LEU A 205 -6.05 9.86 4.73
N SER A 206 -5.43 8.71 4.47
CA SER A 206 -4.26 8.67 3.59
C SER A 206 -4.62 8.94 2.13
N TYR A 207 -5.70 8.34 1.63
CA TYR A 207 -6.07 8.62 0.24
C TYR A 207 -6.55 10.05 0.04
N ARG A 208 -7.29 10.59 1.01
CA ARG A 208 -7.74 11.97 0.89
C ARG A 208 -6.55 12.93 0.85
N SER A 209 -5.58 12.65 1.72
CA SER A 209 -4.35 13.43 1.77
C SER A 209 -3.57 13.35 0.47
N TYR A 210 -3.46 12.13 -0.09
CA TYR A 210 -2.74 11.93 -1.33
C TYR A 210 -3.42 12.61 -2.51
N TRP A 211 -4.72 12.33 -2.67
CA TRP A 211 -5.47 12.91 -3.77
C TRP A 211 -5.37 14.43 -3.73
N SER A 212 -5.48 15.01 -2.54
CA SER A 212 -5.50 16.46 -2.40
C SER A 212 -4.18 17.06 -2.84
N SER A 213 -3.07 16.54 -2.32
CA SER A 213 -1.74 16.97 -2.74
C SER A 213 -1.55 16.94 -4.25
N VAL A 214 -1.87 15.79 -4.84
CA VAL A 214 -1.64 15.60 -6.27
C VAL A 214 -2.44 16.56 -7.12
N LEU A 215 -3.72 16.72 -6.75
CA LEU A 215 -4.60 17.59 -7.52
C LEU A 215 -4.18 19.05 -7.35
N LEU A 216 -3.89 19.45 -6.12
CA LEU A 216 -3.44 20.82 -5.88
C LEU A 216 -2.18 21.13 -6.68
N GLU A 217 -1.22 20.22 -6.66
CA GLU A 217 0.04 20.49 -7.35
C GLU A 217 -0.17 20.57 -8.85
N ASN A 218 -1.15 19.82 -9.36
CA ASN A 218 -1.44 19.87 -10.79
C ASN A 218 -2.20 21.14 -11.19
N LEU A 219 -2.77 21.83 -10.21
CA LEU A 219 -3.48 23.07 -10.48
C LEU A 219 -2.62 24.27 -10.13
N ARG A 220 -1.40 24.00 -9.67
CA ARG A 220 -0.42 25.04 -9.37
C ARG A 220 0.55 25.22 -10.53
N ASP A 221 0.97 24.09 -11.12
CA ASP A 221 1.93 24.10 -12.22
C ASP A 221 1.53 23.13 -13.33
N LEU A 226 -7.50 23.21 -17.45
CA LEU A 226 -7.58 21.84 -16.91
C LEU A 226 -8.98 21.47 -16.50
N SER A 227 -9.56 20.46 -17.16
CA SER A 227 -10.85 19.92 -16.74
C SER A 227 -10.67 18.77 -15.75
N ILE A 228 -11.79 18.27 -15.22
CA ILE A 228 -11.75 17.10 -14.36
C ILE A 228 -11.33 15.90 -15.21
N LYS A 229 -11.80 15.88 -16.45
CA LYS A 229 -11.42 14.85 -17.41
C LYS A 229 -9.92 14.83 -17.60
N ASP A 230 -9.35 16.02 -17.72
CA ASP A 230 -7.91 16.16 -17.95
C ASP A 230 -7.11 15.71 -16.73
N LEU A 231 -7.56 16.10 -15.54
CA LEU A 231 -6.87 15.71 -14.30
C LEU A 231 -6.88 14.20 -14.13
N SER A 232 -8.01 13.58 -14.45
CA SER A 232 -8.14 12.15 -14.32
C SER A 232 -7.17 11.43 -15.25
N GLN A 233 -7.01 11.97 -16.46
CA GLN A 233 -6.10 11.37 -17.43
C GLN A 233 -4.64 11.55 -17.02
N MET A 234 -4.34 12.69 -16.41
CA MET A 234 -2.97 13.02 -15.99
C MET A 234 -2.50 12.24 -14.74
N THR A 235 -3.45 11.79 -13.92
CA THR A 235 -3.14 11.28 -12.59
C THR A 235 -3.57 9.82 -12.38
N SER A 236 -4.45 9.36 -13.25
CA SER A 236 -5.14 8.07 -13.15
C SER A 236 -6.08 7.98 -11.93
N ILE A 237 -6.27 9.10 -11.25
CA ILE A 237 -7.34 9.19 -10.26
C ILE A 237 -8.69 9.20 -10.98
N THR A 238 -9.68 8.49 -10.45
CA THR A 238 -11.00 8.49 -11.10
C THR A 238 -11.68 9.86 -10.94
N GLN A 239 -12.57 10.18 -11.87
CA GLN A 239 -13.27 11.46 -11.80
C GLN A 239 -14.05 11.60 -10.49
N ASN A 240 -14.69 10.52 -10.07
CA ASN A 240 -15.38 10.47 -8.79
C ASN A 240 -14.50 10.87 -7.62
N ASP A 241 -13.29 10.30 -7.55
CA ASP A 241 -12.39 10.63 -6.45
C ASP A 241 -11.87 12.07 -6.58
N ILE A 242 -11.67 12.51 -7.81
CA ILE A 242 -11.26 13.89 -8.01
C ILE A 242 -12.35 14.86 -7.54
N ILE A 243 -13.59 14.54 -7.90
CA ILE A 243 -14.70 15.41 -7.56
C ILE A 243 -14.91 15.47 -6.05
N SER A 244 -14.86 14.32 -5.38
CA SER A 244 -15.08 14.29 -3.93
C SER A 244 -13.96 15.05 -3.22
N THR A 245 -12.74 14.91 -3.74
CA THR A 245 -11.61 15.63 -3.18
C THR A 245 -11.80 17.14 -3.40
N LEU A 246 -12.13 17.53 -4.64
CA LEU A 246 -12.32 18.95 -4.95
C LEU A 246 -13.45 19.55 -4.13
N GLN A 247 -14.52 18.79 -3.90
CA GLN A 247 -15.60 19.24 -3.03
C GLN A 247 -15.16 19.52 -1.61
N SER A 248 -14.29 18.65 -1.08
CA SER A 248 -13.83 18.83 0.29
C SER A 248 -12.95 20.09 0.37
N LEU A 249 -12.42 20.48 -0.79
CA LEU A 249 -11.55 21.64 -0.91
C LEU A 249 -12.33 22.87 -1.37
N ASN A 250 -13.62 22.69 -1.58
CA ASN A 250 -14.48 23.73 -2.13
C ASN A 250 -13.93 24.31 -3.43
N MET A 251 -13.48 23.44 -4.32
CA MET A 251 -12.91 23.89 -5.58
C MET A 251 -13.70 23.39 -6.76
N VAL A 252 -14.97 23.09 -6.52
CA VAL A 252 -15.84 22.71 -7.61
C VAL A 252 -17.18 23.45 -7.51
N LYS A 253 -17.63 23.94 -8.66
CA LYS A 253 -18.95 24.53 -8.73
C LYS A 253 -19.85 23.51 -9.40
N TYR A 254 -21.15 23.61 -9.15
CA TYR A 254 -22.07 22.68 -9.76
C TYR A 254 -23.05 23.51 -10.57
N TRP A 255 -23.04 23.32 -11.88
CA TRP A 255 -23.88 24.10 -12.78
C TRP A 255 -24.72 23.19 -13.67
N LYS A 256 -26.01 23.10 -13.37
CA LYS A 256 -26.96 22.28 -14.10
C LYS A 256 -26.49 20.84 -14.29
N GLY A 257 -25.97 20.25 -13.22
CA GLY A 257 -25.65 18.84 -13.23
C GLY A 257 -24.29 18.46 -13.79
N GLN A 258 -23.44 19.45 -14.05
CA GLN A 258 -22.04 19.17 -14.37
C GLN A 258 -21.16 19.76 -13.28
N HIS A 259 -20.14 19.00 -12.91
CA HIS A 259 -19.14 19.48 -11.99
C HIS A 259 -18.09 20.27 -12.77
N VAL A 260 -17.91 21.51 -12.37
CA VAL A 260 -16.94 22.36 -13.01
C VAL A 260 -15.87 22.76 -12.01
N ILE A 261 -14.60 22.65 -12.40
CA ILE A 261 -13.54 23.09 -11.50
C ILE A 261 -13.59 24.60 -11.37
N CYS A 262 -13.48 25.09 -10.14
CA CYS A 262 -13.50 26.52 -9.89
C CYS A 262 -12.48 26.88 -8.83
N VAL A 263 -11.32 27.32 -9.27
CA VAL A 263 -10.26 27.66 -8.33
C VAL A 263 -9.39 28.79 -8.86
N THR A 264 -8.84 29.58 -7.94
CA THR A 264 -7.88 30.59 -8.30
C THR A 264 -6.47 30.09 -7.94
N PRO A 265 -5.49 30.36 -8.81
CA PRO A 265 -4.09 30.00 -8.55
C PRO A 265 -3.57 30.42 -7.18
N LYS A 266 -4.21 31.40 -6.54
CA LYS A 266 -3.80 31.78 -5.19
C LYS A 266 -4.51 30.89 -4.17
N LEU A 267 -5.75 30.51 -4.47
CA LEU A 267 -6.51 29.59 -3.62
C LEU A 267 -5.80 28.23 -3.54
N VAL A 268 -5.29 27.77 -4.68
CA VAL A 268 -4.50 26.55 -4.76
C VAL A 268 -3.32 26.65 -3.81
N GLU A 269 -2.61 27.76 -3.88
CA GLU A 269 -1.36 27.94 -3.16
C GLU A 269 -1.55 28.11 -1.65
N GLU A 270 -2.72 28.60 -1.26
CA GLU A 270 -3.01 28.77 0.16
C GLU A 270 -3.01 27.40 0.84
N HIS A 271 -3.65 26.43 0.20
CA HIS A 271 -3.72 25.07 0.73
C HIS A 271 -2.35 24.41 0.77
N LEU A 272 -1.61 24.48 -0.34
CA LEU A 272 -0.30 23.86 -0.43
C LEU A 272 0.71 24.45 0.56
N LYS A 273 0.58 25.75 0.86
CA LYS A 273 1.54 26.41 1.74
C LYS A 273 1.24 26.17 3.22
N SER A 274 0.01 25.79 3.53
CA SER A 274 -0.38 25.59 4.93
C SER A 274 0.31 24.36 5.52
N ALA A 275 0.15 24.17 6.83
CA ALA A 275 0.74 23.03 7.51
C ALA A 275 0.08 21.71 7.08
N GLN A 276 -1.07 21.82 6.42
CA GLN A 276 -1.87 20.65 6.03
C GLN A 276 -1.18 19.79 4.98
N TYR A 277 -0.43 20.42 4.07
CA TYR A 277 0.23 19.68 3.00
C TYR A 277 1.72 19.72 3.14
N LYS A 278 2.27 18.61 3.63
CA LYS A 278 3.70 18.49 3.81
C LYS A 278 4.35 17.91 2.56
N LYS A 279 5.52 18.41 2.22
CA LYS A 279 6.29 17.80 1.17
C LYS A 279 7.67 17.35 1.64
N PRO A 280 7.71 16.39 2.57
CA PRO A 280 8.98 15.72 2.77
C PRO A 280 8.84 14.24 2.40
N PRO A 281 8.26 13.95 1.23
CA PRO A 281 7.86 12.55 1.09
C PRO A 281 9.02 11.63 0.75
N ILE A 282 8.70 10.36 0.57
CA ILE A 282 9.51 9.51 -0.28
C ILE A 282 8.76 9.55 -1.58
N THR A 283 9.42 9.93 -2.67
CA THR A 283 8.68 10.04 -3.92
C THR A 283 8.95 8.83 -4.81
N VAL A 284 7.98 8.50 -5.66
CA VAL A 284 8.19 7.46 -6.67
C VAL A 284 8.92 8.06 -7.86
N ASP A 285 10.17 7.64 -8.03
CA ASP A 285 10.98 8.06 -9.17
C ASP A 285 10.77 7.11 -10.32
N SER A 286 10.06 7.56 -11.36
CA SER A 286 9.77 6.72 -12.52
C SER A 286 11.04 6.14 -13.17
N VAL A 287 12.16 6.83 -13.02
CA VAL A 287 13.43 6.35 -13.58
C VAL A 287 13.85 5.03 -12.90
N CYS A 288 13.48 4.88 -11.63
CA CYS A 288 13.88 3.70 -10.87
C CYS A 288 12.82 2.59 -10.91
N LEU A 289 11.77 2.80 -11.68
CA LEU A 289 10.72 1.81 -11.83
C LEU A 289 10.94 0.97 -13.09
N LYS A 290 11.12 -0.33 -12.92
CA LYS A 290 11.30 -1.25 -14.03
C LYS A 290 10.04 -2.07 -14.25
N TRP A 291 9.11 -1.56 -15.04
CA TRP A 291 7.82 -2.23 -15.09
C TRP A 291 7.04 -2.00 -16.38
N ALA A 292 6.73 -3.10 -17.04
CA ALA A 292 5.89 -3.10 -18.22
C ALA A 292 4.51 -3.68 -17.91
N PRO A 293 3.45 -2.98 -18.35
CA PRO A 293 2.03 -3.28 -18.12
C PRO A 293 1.49 -4.60 -18.67
N PRO A 294 0.97 -5.48 -17.76
CA PRO A 294 0.08 -6.63 -17.96
C PRO A 294 -0.87 -6.39 -19.16
#